data_8EIB
#
_entry.id   8EIB
#
_cell.length_a   55.620
_cell.length_b   69.830
_cell.length_c   165.470
_cell.angle_alpha   90.000
_cell.angle_beta   90.000
_cell.angle_gamma   90.000
#
_symmetry.space_group_name_H-M   'P 21 21 21'
#
loop_
_entity.id
_entity.type
_entity.pdbx_description
1 polymer 'Catenin beta-1'
2 polymer 'E3 ubiquitin-protein ligase Mdm2'
3 polymer H329
4 non-polymer "N,N'-(1,4-phenylene)diacetamide"
#
loop_
_entity_poly.entity_id
_entity_poly.type
_entity_poly.pdbx_seq_one_letter_code
_entity_poly.pdbx_strand_id
1 'polypeptide(L)'
;GHAVVNLINYQDDAELATRAIPELTKLLNDEDQVVVNKAAVMVHQLSKKEASRHAIMRSPQMVSAIVRTMQNTNDVETAR
CTAGTLHNLSHHREGLLAIFKSGGIPALVKMLGSPVDSVLFYAITTLHNLLLHQEGAKMAVRLAGGLQKMVALLNKTNVK
FLAITTDCLQILAYGNQESKLIILASGGPQALVNIMRTYTYEKLLWTTSRVLKVLSVCSSNKPAIVEAGGMQALGLHLTD
PSQRLVQNCLWTLRNLSDAATKQEGMEGLLGTLVQLLGSDDINVVTCAAGILSNLTCNNYKNKMMVCQVGGIEALVRTVL
RAGDREDITEPAICALRHLTSRHQEAEMAQNAVRLHYGLPVVVKLLHPPSHWPLIKATVGLIRNLALCPANHAPLREQGA
IPRLVQLLVRAHQDTQRRTSMGGTQQQFVEGVRMEEIVEGCTGALHILARDVHNRIVIRGLNTIPLFVQLLYSPIENIQR
VAAGVLCELAQDKEAAEAIEAEGATAPLTELLHSRNEGVATYAAAVLFRMSED
;
A
2 'polypeptide(L)'
;SQIPASEQETLVRPKPLLLKLLKSVGAQKDTYTMKEVLFYLGQYIMTKRLYDEKQQHIVYCSNDLLGDLFGVPSFSVKEH
RKIYTMIYRNLVVVN
;
B
3 'polypeptide(L)' (ACE)PMEQQAICFQAAWMCLADDWT(NH2) C
#
loop_
_chem_comp.id
_chem_comp.type
_chem_comp.name
_chem_comp.formula
ACE non-polymer 'ACETYL GROUP' 'C2 H4 O'
NH2 non-polymer 'AMINO GROUP' 'H2 N'
WHL non-polymer N,N'-(1,4-phenylene)diacetamide 'C10 H12 N2 O2'
#
# COMPACT_ATOMS: atom_id res chain seq x y z
N THR A 25 5.44 -40.24 48.42
CA THR A 25 6.20 -39.78 47.26
C THR A 25 7.20 -40.82 46.82
N LYS A 26 7.67 -41.61 47.79
CA LYS A 26 8.47 -42.80 47.50
C LYS A 26 7.83 -43.67 46.44
N LEU A 27 6.49 -43.60 46.32
CA LEU A 27 5.77 -44.15 45.17
C LEU A 27 6.39 -43.69 43.86
N LEU A 28 6.36 -42.37 43.62
CA LEU A 28 6.91 -41.81 42.39
C LEU A 28 8.33 -42.31 42.12
N ASN A 29 9.16 -42.31 43.17
CA ASN A 29 10.52 -42.85 43.10
C ASN A 29 10.52 -44.37 42.99
N ASP A 30 9.79 -44.91 42.01
CA ASP A 30 9.81 -46.34 41.75
C ASP A 30 10.35 -46.65 40.36
N GLN A 33 5.30 -49.12 35.26
CA GLN A 33 4.42 -48.47 34.29
C GLN A 33 2.98 -48.86 34.55
N VAL A 34 2.72 -49.36 35.75
CA VAL A 34 1.36 -49.72 36.15
C VAL A 34 0.89 -49.00 37.40
N VAL A 35 1.78 -48.40 38.18
CA VAL A 35 1.41 -47.82 39.46
C VAL A 35 1.36 -46.30 39.35
N VAL A 36 2.18 -45.75 38.44
CA VAL A 36 2.08 -44.33 38.16
C VAL A 36 0.70 -44.02 37.58
N ASN A 37 0.09 -44.99 36.91
CA ASN A 37 -1.31 -44.86 36.53
C ASN A 37 -2.20 -44.65 37.75
N LYS A 38 -1.82 -45.23 38.89
CA LYS A 38 -2.56 -45.06 40.13
C LYS A 38 -2.12 -43.82 40.91
N ALA A 39 -0.81 -43.68 41.15
CA ALA A 39 -0.32 -42.63 42.04
C ALA A 39 -0.55 -41.24 41.46
N ALA A 40 -0.52 -41.09 40.14
CA ALA A 40 -0.79 -39.80 39.54
C ALA A 40 -2.28 -39.43 39.57
N VAL A 41 -3.16 -40.37 39.91
CA VAL A 41 -4.56 -40.04 40.12
C VAL A 41 -4.76 -39.35 41.46
N MET A 42 -4.35 -40.01 42.54
CA MET A 42 -4.51 -39.44 43.87
C MET A 42 -3.71 -38.14 44.05
N VAL A 43 -2.70 -37.91 43.21
CA VAL A 43 -2.03 -36.61 43.20
C VAL A 43 -2.84 -35.60 42.43
N HIS A 44 -3.51 -36.04 41.35
CA HIS A 44 -4.50 -35.21 40.67
C HIS A 44 -5.62 -34.82 41.63
N GLN A 45 -6.05 -35.75 42.48
CA GLN A 45 -7.10 -35.45 43.46
C GLN A 45 -6.59 -34.48 44.53
N LEU A 46 -5.38 -34.71 45.04
CA LEU A 46 -4.82 -33.89 46.11
C LEU A 46 -4.45 -32.49 45.63
N SER A 47 -4.40 -32.26 44.32
CA SER A 47 -3.95 -30.99 43.77
C SER A 47 -5.10 -30.19 43.14
N LYS A 48 -6.32 -30.35 43.68
CA LYS A 48 -7.42 -29.44 43.38
C LYS A 48 -7.86 -28.60 44.56
N LYS A 49 -7.61 -29.03 45.80
CA LYS A 49 -8.00 -28.26 46.98
C LYS A 49 -6.84 -27.36 47.39
N GLU A 50 -7.07 -26.06 47.42
CA GLU A 50 -5.96 -25.11 47.53
C GLU A 50 -5.31 -25.13 48.90
N ALA A 51 -6.07 -25.48 49.94
CA ALA A 51 -5.55 -25.60 51.28
C ALA A 51 -5.08 -27.02 51.61
N SER A 52 -5.21 -27.94 50.65
CA SER A 52 -4.71 -29.30 50.77
C SER A 52 -3.66 -29.65 49.73
N ARG A 53 -3.28 -28.70 48.85
CA ARG A 53 -2.22 -28.90 47.86
C ARG A 53 -1.01 -28.01 48.16
N HIS A 54 -0.79 -27.69 49.44
CA HIS A 54 0.32 -26.84 49.81
C HIS A 54 1.64 -27.60 49.89
N ALA A 55 1.59 -28.87 50.31
CA ALA A 55 2.80 -29.67 50.49
C ALA A 55 3.04 -30.66 49.36
N ILE A 56 2.19 -30.66 48.33
CA ILE A 56 2.38 -31.56 47.21
C ILE A 56 3.16 -30.91 46.07
N MET A 57 3.23 -29.57 46.04
CA MET A 57 4.10 -28.88 45.09
C MET A 57 5.48 -28.62 45.68
N ARG A 58 5.55 -28.24 46.95
CA ARG A 58 6.82 -28.07 47.66
C ARG A 58 7.32 -29.42 48.18
N SER A 59 7.62 -30.31 47.24
CA SER A 59 8.06 -31.67 47.53
C SER A 59 9.09 -32.04 46.48
N PRO A 60 10.29 -32.46 46.90
CA PRO A 60 11.41 -32.62 45.95
C PRO A 60 11.20 -33.66 44.85
N GLN A 61 11.53 -34.91 45.14
CA GLN A 61 11.72 -35.92 44.09
C GLN A 61 10.45 -36.25 43.32
N MET A 62 9.27 -35.98 43.88
CA MET A 62 8.03 -36.46 43.27
C MET A 62 7.85 -35.90 41.86
N VAL A 63 8.06 -34.59 41.68
CA VAL A 63 7.90 -34.01 40.35
C VAL A 63 9.03 -34.43 39.42
N SER A 64 10.23 -34.64 39.96
CA SER A 64 11.36 -35.01 39.13
C SER A 64 11.14 -36.37 38.46
N ALA A 65 10.57 -37.33 39.19
CA ALA A 65 10.37 -38.67 38.65
C ALA A 65 9.33 -38.72 37.55
N ILE A 66 8.43 -37.74 37.50
CA ILE A 66 7.39 -37.68 36.48
C ILE A 66 8.04 -37.31 35.14
N VAL A 67 7.79 -36.10 34.67
CA VAL A 67 8.43 -35.46 33.51
C VAL A 67 8.98 -36.44 32.48
N ARG A 68 9.99 -37.21 32.87
CA ARG A 68 10.68 -38.09 31.91
C ARG A 68 9.87 -39.35 31.58
N THR A 69 9.05 -39.83 32.51
CA THR A 69 8.16 -40.94 32.22
C THR A 69 6.95 -40.52 31.39
N MET A 70 6.92 -39.26 30.95
CA MET A 70 5.90 -38.74 30.05
C MET A 70 6.33 -38.85 28.59
N GLN A 71 7.59 -38.54 28.30
CA GLN A 71 8.11 -38.62 26.94
C GLN A 71 8.43 -40.05 26.56
N ASN A 72 9.19 -40.76 27.40
CA ASN A 72 9.59 -42.13 27.14
C ASN A 72 8.45 -43.10 27.50
N THR A 73 7.31 -42.89 26.82
CA THR A 73 6.10 -43.64 27.12
C THR A 73 5.40 -44.02 25.81
N ASN A 74 4.98 -45.28 25.75
CA ASN A 74 4.17 -45.77 24.65
C ASN A 74 2.68 -45.73 24.96
N ASP A 75 2.33 -45.79 26.25
CA ASP A 75 0.95 -45.89 26.68
C ASP A 75 0.23 -44.55 26.51
N VAL A 76 -1.09 -44.58 26.68
CA VAL A 76 -1.94 -43.39 26.57
C VAL A 76 -2.37 -42.89 27.94
N GLU A 77 -3.11 -43.71 28.69
CA GLU A 77 -3.52 -43.30 30.03
C GLU A 77 -2.33 -43.11 30.96
N THR A 78 -1.16 -43.65 30.61
CA THR A 78 0.06 -43.23 31.29
C THR A 78 0.44 -41.83 30.87
N ALA A 79 0.53 -41.58 29.56
CA ALA A 79 0.86 -40.24 29.07
C ALA A 79 -0.24 -39.23 29.41
N ARG A 80 -1.49 -39.68 29.52
CA ARG A 80 -2.56 -38.79 29.96
C ARG A 80 -2.40 -38.45 31.44
N CYS A 81 -2.39 -39.47 32.30
CA CYS A 81 -2.35 -39.23 33.74
C CYS A 81 -0.99 -38.72 34.22
N THR A 82 0.07 -38.89 33.43
CA THR A 82 1.37 -38.34 33.76
C THR A 82 1.32 -36.82 33.68
N ALA A 83 1.13 -36.29 32.46
CA ALA A 83 0.95 -34.86 32.30
C ALA A 83 -0.36 -34.38 32.91
N GLY A 84 -1.30 -35.30 33.16
CA GLY A 84 -2.56 -34.96 33.82
C GLY A 84 -2.40 -34.34 35.19
N THR A 85 -1.30 -34.64 35.89
CA THR A 85 -1.02 -33.98 37.15
C THR A 85 -0.14 -32.75 37.00
N LEU A 86 0.61 -32.64 35.90
CA LEU A 86 1.47 -31.48 35.70
C LEU A 86 0.68 -30.18 35.68
N HIS A 87 -0.51 -30.21 35.07
CA HIS A 87 -1.37 -29.03 35.12
C HIS A 87 -1.83 -28.75 36.54
N ASN A 88 -2.13 -29.79 37.32
CA ASN A 88 -2.60 -29.55 38.68
C ASN A 88 -1.48 -29.11 39.60
N LEU A 89 -0.24 -29.47 39.26
CA LEU A 89 0.87 -28.91 40.01
C LEU A 89 1.08 -27.45 39.67
N SER A 90 0.58 -27.00 38.52
CA SER A 90 0.93 -25.70 37.96
C SER A 90 -0.23 -24.73 38.10
N HIS A 91 -0.50 -24.32 39.34
CA HIS A 91 -1.32 -23.14 39.60
C HIS A 91 -1.10 -22.63 41.02
N HIS A 92 0.16 -22.64 41.45
CA HIS A 92 0.60 -21.91 42.64
C HIS A 92 2.10 -21.70 42.52
N ARG A 93 2.59 -20.60 43.08
CA ARG A 93 3.98 -20.21 42.92
C ARG A 93 4.92 -21.19 43.63
N GLU A 94 4.70 -22.49 43.39
CA GLU A 94 5.47 -23.55 44.04
C GLU A 94 5.67 -24.70 43.06
N GLY A 95 4.58 -25.23 42.52
CA GLY A 95 4.68 -26.29 41.53
C GLY A 95 5.18 -25.82 40.18
N LEU A 96 4.97 -24.54 39.85
CA LEU A 96 5.57 -23.98 38.63
C LEU A 96 7.08 -23.99 38.71
N LEU A 97 7.63 -23.59 39.85
CA LEU A 97 9.08 -23.64 40.05
C LEU A 97 9.59 -25.06 40.16
N ALA A 98 8.77 -25.96 40.73
CA ALA A 98 9.20 -27.35 40.89
C ALA A 98 9.31 -28.06 39.54
N ILE A 99 8.48 -27.68 38.57
CA ILE A 99 8.61 -28.24 37.23
C ILE A 99 9.80 -27.62 36.50
N PHE A 100 10.04 -26.33 36.70
CA PHE A 100 11.14 -25.65 36.04
C PHE A 100 12.49 -26.08 36.62
N LYS A 101 12.58 -26.13 37.95
CA LYS A 101 13.81 -26.59 38.59
C LYS A 101 14.13 -28.04 38.23
N SER A 102 13.10 -28.82 37.90
CA SER A 102 13.28 -30.19 37.43
C SER A 102 13.13 -30.33 35.92
N GLY A 103 13.17 -29.21 35.20
CA GLY A 103 13.22 -29.20 33.75
C GLY A 103 12.21 -30.05 33.03
N GLY A 104 10.97 -29.58 32.94
CA GLY A 104 9.95 -30.27 32.18
C GLY A 104 9.44 -29.45 31.02
N ILE A 105 9.90 -28.21 30.95
CA ILE A 105 9.46 -27.28 29.91
C ILE A 105 10.04 -27.62 28.53
N PRO A 106 11.18 -28.30 28.39
CA PRO A 106 11.56 -28.80 27.05
C PRO A 106 10.98 -30.17 26.73
N ALA A 107 10.46 -30.88 27.73
CA ALA A 107 9.82 -32.17 27.47
C ALA A 107 8.36 -31.99 27.05
N LEU A 108 7.66 -31.05 27.67
CA LEU A 108 6.25 -30.82 27.36
C LEU A 108 6.04 -30.31 25.95
N VAL A 109 7.07 -29.77 25.30
CA VAL A 109 6.94 -29.39 23.89
C VAL A 109 7.12 -30.56 22.95
N LYS A 110 7.67 -31.68 23.44
CA LYS A 110 7.55 -32.93 22.68
C LYS A 110 6.12 -33.43 22.70
N MET A 111 5.44 -33.28 23.84
CA MET A 111 4.04 -33.67 23.95
C MET A 111 3.14 -32.58 23.38
N LEU A 112 3.65 -31.82 22.42
CA LEU A 112 2.85 -30.89 21.62
C LEU A 112 2.62 -31.40 20.21
N GLY A 113 2.98 -32.66 19.95
CA GLY A 113 2.66 -33.32 18.70
C GLY A 113 1.94 -34.63 18.98
N SER A 114 1.54 -34.82 20.22
CA SER A 114 0.86 -36.04 20.62
C SER A 114 -0.52 -36.10 19.95
N PRO A 115 -0.90 -37.23 19.35
CA PRO A 115 -2.24 -37.33 18.76
C PRO A 115 -3.35 -37.35 19.80
N VAL A 116 -3.03 -37.67 21.05
CA VAL A 116 -4.03 -37.70 22.12
C VAL A 116 -4.49 -36.28 22.38
N ASP A 117 -5.73 -35.96 22.00
CA ASP A 117 -6.29 -34.64 22.24
C ASP A 117 -6.32 -34.30 23.73
N SER A 118 -6.29 -35.31 24.60
CA SER A 118 -6.14 -35.05 26.03
C SER A 118 -4.78 -34.42 26.34
N VAL A 119 -3.71 -34.94 25.72
CA VAL A 119 -2.37 -34.43 26.00
C VAL A 119 -2.26 -32.98 25.59
N LEU A 120 -2.72 -32.64 24.38
CA LEU A 120 -2.63 -31.25 23.92
C LEU A 120 -3.42 -30.31 24.82
N PHE A 121 -4.47 -30.80 25.46
CA PHE A 121 -5.19 -30.01 26.45
C PHE A 121 -4.66 -30.22 27.87
N TYR A 122 -3.66 -31.09 28.04
CA TYR A 122 -2.92 -31.19 29.28
C TYR A 122 -1.49 -30.67 29.16
N ALA A 123 -1.04 -30.36 27.94
CA ALA A 123 0.28 -29.77 27.71
C ALA A 123 0.19 -28.28 27.43
N ILE A 124 -0.68 -27.87 26.50
CA ILE A 124 -0.81 -26.45 26.18
C ILE A 124 -1.40 -25.69 27.36
N THR A 125 -2.41 -26.26 28.02
CA THR A 125 -2.96 -25.63 29.21
C THR A 125 -1.90 -25.51 30.30
N THR A 126 -1.03 -26.51 30.41
CA THR A 126 0.07 -26.43 31.37
C THR A 126 1.05 -25.32 30.99
N LEU A 127 1.48 -25.30 29.73
CA LEU A 127 2.48 -24.33 29.28
C LEU A 127 1.97 -22.90 29.44
N HIS A 128 0.68 -22.68 29.20
CA HIS A 128 0.14 -21.32 29.31
C HIS A 128 0.25 -20.79 30.73
N ASN A 129 0.21 -21.67 31.73
CA ASN A 129 0.40 -21.23 33.11
C ASN A 129 1.86 -20.90 33.38
N LEU A 130 2.79 -21.59 32.74
CA LEU A 130 4.22 -21.31 32.88
C LEU A 130 4.62 -20.04 32.13
N LEU A 131 3.71 -19.40 31.40
CA LEU A 131 3.98 -18.15 30.70
C LEU A 131 3.19 -16.98 31.30
N LEU A 132 2.83 -17.09 32.57
CA LEU A 132 2.12 -16.01 33.27
C LEU A 132 2.97 -15.48 34.42
N HIS A 133 3.10 -16.25 35.52
CA HIS A 133 3.99 -15.85 36.60
C HIS A 133 5.20 -16.78 36.66
N GLN A 134 6.03 -16.76 35.63
CA GLN A 134 7.22 -17.62 35.61
C GLN A 134 8.24 -17.00 34.65
N GLU A 135 9.20 -16.28 35.20
CA GLU A 135 10.33 -15.81 34.41
C GLU A 135 11.38 -16.91 34.33
N GLY A 136 12.05 -16.99 33.18
CA GLY A 136 12.91 -18.10 32.86
C GLY A 136 12.25 -19.16 32.00
N ALA A 137 10.95 -19.06 31.78
CA ALA A 137 10.25 -19.95 30.87
C ALA A 137 10.14 -19.38 29.46
N LYS A 138 10.06 -18.06 29.32
CA LYS A 138 10.00 -17.45 28.00
C LYS A 138 11.24 -17.81 27.19
N MET A 139 12.39 -17.89 27.83
CA MET A 139 13.61 -18.28 27.13
C MET A 139 13.65 -19.78 26.87
N ALA A 140 13.28 -20.59 27.87
CA ALA A 140 13.36 -22.04 27.73
C ALA A 140 12.33 -22.60 26.77
N VAL A 141 11.24 -21.87 26.50
CA VAL A 141 10.26 -22.34 25.53
C VAL A 141 10.75 -22.11 24.11
N ARG A 142 11.43 -21.00 23.86
CA ARG A 142 12.01 -20.76 22.54
C ARG A 142 13.25 -21.62 22.31
N LEU A 143 13.97 -21.97 23.38
CA LEU A 143 15.14 -22.84 23.24
C LEU A 143 14.74 -24.26 22.89
N ALA A 144 13.69 -24.78 23.55
CA ALA A 144 13.27 -26.15 23.31
C ALA A 144 12.78 -26.34 21.88
N GLY A 145 11.95 -25.43 21.39
CA GLY A 145 11.42 -25.53 20.05
C GLY A 145 9.91 -25.54 20.02
N GLY A 146 9.28 -24.79 20.92
CA GLY A 146 7.83 -24.76 20.99
C GLY A 146 7.18 -23.87 19.96
N LEU A 147 7.92 -22.92 19.38
CA LEU A 147 7.34 -22.01 18.39
C LEU A 147 6.89 -22.77 17.16
N GLN A 148 7.80 -23.51 16.52
CA GLN A 148 7.44 -24.33 15.37
C GLN A 148 6.48 -25.45 15.74
N LYS A 149 6.23 -25.67 17.03
CA LYS A 149 5.27 -26.67 17.49
C LYS A 149 3.90 -26.05 17.72
N MET A 150 3.84 -24.93 18.43
CA MET A 150 2.56 -24.29 18.74
C MET A 150 1.88 -23.73 17.50
N VAL A 151 2.64 -23.44 16.44
CA VAL A 151 2.01 -22.99 15.19
C VAL A 151 1.37 -24.15 14.45
N ALA A 152 1.95 -25.35 14.55
CA ALA A 152 1.33 -26.54 13.98
C ALA A 152 0.09 -26.98 14.73
N LEU A 153 -0.24 -26.31 15.84
CA LEU A 153 -1.45 -26.62 16.60
C LEU A 153 -2.61 -25.68 16.28
N LEU A 154 -2.37 -24.62 15.52
CA LEU A 154 -3.41 -23.66 15.18
C LEU A 154 -4.21 -24.11 13.97
N ASN A 155 -4.29 -25.43 13.77
CA ASN A 155 -5.09 -26.01 12.69
C ASN A 155 -6.22 -26.87 13.27
N LYS A 156 -6.69 -26.52 14.46
CA LYS A 156 -7.73 -27.26 15.15
C LYS A 156 -9.08 -26.58 14.96
N THR A 157 -10.08 -27.03 15.71
CA THR A 157 -11.41 -26.44 15.68
C THR A 157 -11.97 -26.14 17.06
N ASN A 158 -11.40 -26.70 18.12
CA ASN A 158 -11.81 -26.38 19.49
C ASN A 158 -11.32 -24.98 19.81
N VAL A 159 -12.23 -24.00 19.80
CA VAL A 159 -11.86 -22.60 19.99
C VAL A 159 -11.18 -22.38 21.33
N LYS A 160 -11.41 -23.26 22.31
CA LYS A 160 -10.65 -23.20 23.55
C LYS A 160 -9.16 -23.42 23.31
N PHE A 161 -8.82 -24.39 22.45
CA PHE A 161 -7.43 -24.65 22.14
C PHE A 161 -6.83 -23.53 21.30
N LEU A 162 -7.59 -23.04 20.30
CA LEU A 162 -7.10 -21.97 19.46
C LEU A 162 -6.86 -20.69 20.26
N ALA A 163 -7.76 -20.38 21.20
CA ALA A 163 -7.66 -19.12 21.93
C ALA A 163 -6.51 -19.14 22.93
N ILE A 164 -6.27 -20.29 23.57
CA ILE A 164 -5.18 -20.38 24.53
C ILE A 164 -3.84 -20.34 23.83
N THR A 165 -3.68 -21.14 22.76
CA THR A 165 -2.40 -21.22 22.07
C THR A 165 -2.02 -19.89 21.42
N THR A 166 -3.01 -19.19 20.82
CA THR A 166 -2.72 -17.90 20.22
C THR A 166 -2.23 -16.91 21.27
N ASP A 167 -2.74 -17.00 22.50
CA ASP A 167 -2.24 -16.14 23.57
C ASP A 167 -0.79 -16.45 23.88
N CYS A 168 -0.42 -17.72 23.91
CA CYS A 168 0.98 -18.10 24.15
C CYS A 168 1.90 -17.54 23.08
N LEU A 169 1.40 -17.38 21.85
CA LEU A 169 2.21 -16.82 20.77
C LEU A 169 2.31 -15.30 20.86
N GLN A 170 1.39 -14.64 21.56
CA GLN A 170 1.52 -13.22 21.84
C GLN A 170 2.34 -12.94 23.10
N ILE A 171 2.59 -13.97 23.90
CA ILE A 171 3.48 -13.83 25.05
C ILE A 171 4.95 -14.02 24.65
N LEU A 172 5.21 -14.82 23.62
CA LEU A 172 6.58 -15.04 23.16
C LEU A 172 7.02 -14.05 22.09
N ALA A 173 6.09 -13.48 21.33
CA ALA A 173 6.44 -12.58 20.25
C ALA A 173 6.62 -11.13 20.71
N TYR A 174 5.82 -10.69 21.68
CA TYR A 174 5.93 -9.32 22.17
C TYR A 174 7.29 -9.09 22.81
N GLY A 175 8.02 -8.12 22.29
CA GLY A 175 9.33 -7.80 22.83
C GLY A 175 10.41 -8.80 22.48
N ASN A 176 10.42 -9.28 21.24
CA ASN A 176 11.43 -10.22 20.77
C ASN A 176 11.40 -10.32 19.25
N GLN A 177 12.50 -9.97 18.60
CA GLN A 177 12.59 -10.04 17.14
C GLN A 177 12.97 -11.43 16.64
N GLU A 178 13.78 -12.17 17.39
CA GLU A 178 14.17 -13.51 16.97
C GLU A 178 13.00 -14.48 16.96
N SER A 179 11.91 -14.15 17.65
CA SER A 179 10.74 -15.03 17.70
C SER A 179 9.76 -14.77 16.57
N LYS A 180 9.59 -13.50 16.18
CA LYS A 180 8.68 -13.17 15.09
C LYS A 180 9.08 -13.87 13.79
N LEU A 181 10.38 -14.03 13.56
CA LEU A 181 10.85 -14.71 12.36
C LEU A 181 10.59 -16.22 12.44
N ILE A 182 10.68 -16.80 13.64
CA ILE A 182 10.34 -18.22 13.79
C ILE A 182 8.86 -18.44 13.51
N ILE A 183 8.02 -17.45 13.80
CA ILE A 183 6.61 -17.54 13.47
C ILE A 183 6.40 -17.42 11.96
N LEU A 184 7.28 -16.69 11.27
CA LEU A 184 7.22 -16.56 9.82
C LEU A 184 7.39 -17.90 9.12
N ALA A 185 8.59 -18.47 9.22
CA ALA A 185 8.91 -19.70 8.50
C ALA A 185 7.96 -20.83 8.85
N SER A 186 7.42 -20.82 10.08
CA SER A 186 6.42 -21.81 10.51
C SER A 186 5.06 -21.60 9.84
N GLY A 187 4.93 -20.66 8.91
CA GLY A 187 3.68 -20.46 8.19
C GLY A 187 2.65 -19.81 9.09
N GLY A 188 3.14 -19.32 10.24
CA GLY A 188 2.30 -18.65 11.19
C GLY A 188 1.46 -17.50 10.64
N PRO A 189 2.02 -16.66 9.75
CA PRO A 189 1.19 -15.59 9.17
C PRO A 189 -0.12 -16.05 8.55
N GLN A 190 -0.09 -17.09 7.70
CA GLN A 190 -1.30 -17.49 6.99
C GLN A 190 -2.33 -18.11 7.92
N ALA A 191 -1.89 -18.80 8.97
CA ALA A 191 -2.84 -19.42 9.90
C ALA A 191 -3.70 -18.37 10.58
N LEU A 192 -3.07 -17.32 11.10
CA LEU A 192 -3.80 -16.24 11.76
C LEU A 192 -4.71 -15.49 10.80
N VAL A 193 -4.42 -15.52 9.50
CA VAL A 193 -5.32 -14.92 8.52
C VAL A 193 -6.59 -15.75 8.38
N ASN A 194 -6.45 -17.08 8.31
CA ASN A 194 -7.61 -17.94 8.23
C ASN A 194 -8.32 -18.12 9.57
N ILE A 195 -7.63 -17.82 10.68
CA ILE A 195 -8.34 -17.72 11.95
C ILE A 195 -9.31 -16.55 11.94
N MET A 196 -8.87 -15.41 11.38
CA MET A 196 -9.77 -14.30 11.18
C MET A 196 -10.86 -14.65 10.16
N ARG A 197 -10.46 -15.24 9.04
CA ARG A 197 -11.36 -15.49 7.93
C ARG A 197 -12.46 -16.48 8.27
N THR A 198 -12.35 -17.22 9.37
CA THR A 198 -13.30 -18.28 9.70
C THR A 198 -14.06 -17.98 10.97
N TYR A 199 -13.43 -18.08 12.14
CA TYR A 199 -14.15 -18.05 13.41
C TYR A 199 -14.75 -16.68 13.69
N THR A 200 -15.78 -16.67 14.53
CA THR A 200 -16.48 -15.46 14.94
C THR A 200 -16.34 -15.16 16.42
N TYR A 201 -15.59 -15.98 17.16
CA TYR A 201 -15.38 -15.81 18.59
C TYR A 201 -14.38 -14.68 18.81
N GLU A 202 -14.78 -13.64 19.54
CA GLU A 202 -13.98 -12.41 19.60
C GLU A 202 -12.64 -12.65 20.28
N LYS A 203 -12.67 -13.18 21.52
CA LYS A 203 -11.44 -13.42 22.27
C LYS A 203 -10.45 -14.28 21.49
N LEU A 204 -10.91 -15.00 20.47
CA LEU A 204 -10.01 -15.62 19.50
C LEU A 204 -9.58 -14.60 18.45
N LEU A 205 -10.53 -13.86 17.88
CA LEU A 205 -10.22 -12.87 16.86
C LEU A 205 -9.46 -11.67 17.42
N TRP A 206 -9.57 -11.41 18.73
CA TRP A 206 -8.81 -10.32 19.33
C TRP A 206 -7.38 -10.74 19.63
N THR A 207 -7.21 -11.92 20.25
CA THR A 207 -5.87 -12.43 20.48
C THR A 207 -5.11 -12.63 19.17
N THR A 208 -5.81 -13.10 18.14
CA THR A 208 -5.20 -13.21 16.82
C THR A 208 -4.80 -11.84 16.29
N SER A 209 -5.63 -10.82 16.52
CA SER A 209 -5.24 -9.46 16.14
C SER A 209 -4.12 -8.93 17.03
N ARG A 210 -4.08 -9.37 18.29
CA ARG A 210 -2.95 -9.04 19.15
C ARG A 210 -1.66 -9.66 18.62
N VAL A 211 -1.75 -10.84 18.00
CA VAL A 211 -0.58 -11.50 17.44
C VAL A 211 -0.21 -10.92 16.08
N LEU A 212 -1.21 -10.58 15.27
CA LEU A 212 -0.95 -10.18 13.89
C LEU A 212 -0.27 -8.81 13.78
N LYS A 213 -0.42 -7.94 14.78
CA LYS A 213 0.24 -6.64 14.73
C LYS A 213 1.74 -6.78 14.95
N VAL A 214 2.14 -7.33 16.11
CA VAL A 214 3.55 -7.47 16.44
C VAL A 214 4.32 -8.25 15.38
N LEU A 215 3.62 -8.98 14.51
CA LEU A 215 4.25 -9.64 13.36
C LEU A 215 4.22 -8.77 12.10
N SER A 216 3.89 -7.48 12.23
CA SER A 216 3.79 -6.59 11.07
C SER A 216 4.43 -5.23 11.34
N VAL A 217 5.05 -5.04 12.51
CA VAL A 217 5.71 -3.76 12.77
C VAL A 217 7.11 -3.73 12.14
N CYS A 218 7.77 -4.88 12.06
CA CYS A 218 9.03 -5.02 11.32
C CYS A 218 8.74 -5.62 9.96
N SER A 219 9.28 -5.00 8.91
CA SER A 219 8.81 -5.21 7.55
C SER A 219 9.47 -6.39 6.84
N SER A 220 10.13 -7.29 7.57
CA SER A 220 10.52 -8.57 7.01
C SER A 220 9.43 -9.62 7.17
N ASN A 221 8.37 -9.31 7.91
CA ASN A 221 7.31 -10.26 8.23
C ASN A 221 5.98 -9.88 7.59
N LYS A 222 6.00 -9.16 6.46
CA LYS A 222 4.77 -8.55 5.96
C LYS A 222 4.31 -9.07 4.60
N PRO A 223 5.21 -9.30 3.62
CA PRO A 223 4.71 -9.83 2.33
C PRO A 223 4.02 -11.18 2.46
N ALA A 224 4.49 -12.05 3.34
CA ALA A 224 3.89 -13.38 3.50
C ALA A 224 2.52 -13.34 4.17
N ILE A 225 2.11 -12.20 4.70
CA ILE A 225 0.79 -12.06 5.30
C ILE A 225 -0.26 -11.71 4.25
N VAL A 226 0.01 -10.70 3.43
CA VAL A 226 -0.94 -10.29 2.41
C VAL A 226 -1.00 -11.31 1.28
N GLU A 227 0.14 -11.94 0.95
CA GLU A 227 0.16 -12.91 -0.14
C GLU A 227 -0.69 -14.13 0.17
N ALA A 228 -0.91 -14.43 1.44
CA ALA A 228 -1.88 -15.45 1.84
C ALA A 228 -3.30 -14.88 1.91
N GLY A 229 -3.56 -13.78 1.22
CA GLY A 229 -4.86 -13.13 1.26
C GLY A 229 -5.16 -12.46 2.59
N GLY A 230 -4.17 -11.78 3.17
CA GLY A 230 -4.29 -11.26 4.52
C GLY A 230 -5.24 -10.09 4.68
N MET A 231 -4.98 -9.00 3.97
CA MET A 231 -5.68 -7.74 4.24
C MET A 231 -7.18 -7.84 3.98
N GLN A 232 -7.60 -8.70 3.05
CA GLN A 232 -9.02 -8.94 2.83
C GLN A 232 -9.61 -9.94 3.82
N ALA A 233 -8.98 -10.11 4.98
CA ALA A 233 -9.49 -10.98 6.04
C ALA A 233 -9.40 -10.28 7.39
N LEU A 234 -8.39 -9.43 7.57
CA LEU A 234 -8.35 -8.55 8.73
C LEU A 234 -9.49 -7.53 8.68
N GLY A 235 -9.71 -6.93 7.51
CA GLY A 235 -10.80 -5.99 7.34
C GLY A 235 -12.13 -6.66 7.06
N LEU A 236 -12.23 -7.94 7.41
CA LEU A 236 -13.48 -8.69 7.31
C LEU A 236 -14.35 -8.50 8.54
N HIS A 237 -14.16 -7.42 9.29
CA HIS A 237 -14.89 -7.15 10.53
C HIS A 237 -15.37 -5.70 10.48
N LEU A 238 -16.54 -5.49 9.86
CA LEU A 238 -17.11 -4.15 9.75
C LEU A 238 -18.21 -3.88 10.75
N THR A 239 -18.99 -4.88 11.13
CA THR A 239 -19.98 -4.76 12.21
C THR A 239 -19.54 -5.67 13.35
N ASP A 240 -19.01 -5.07 14.42
CA ASP A 240 -18.54 -5.80 15.57
C ASP A 240 -18.30 -4.83 16.73
N PRO A 241 -19.26 -4.70 17.65
CA PRO A 241 -19.11 -3.75 18.76
C PRO A 241 -18.05 -4.15 19.77
N SER A 242 -16.84 -4.42 19.29
CA SER A 242 -15.69 -4.74 20.12
C SER A 242 -14.59 -3.73 19.81
N GLN A 243 -14.77 -2.50 20.31
CA GLN A 243 -13.94 -1.39 19.86
C GLN A 243 -12.45 -1.61 20.06
N ARG A 244 -12.07 -2.57 20.90
CA ARG A 244 -10.67 -2.97 21.02
C ARG A 244 -10.29 -4.08 20.04
N LEU A 245 -11.09 -4.28 19.00
CA LEU A 245 -10.80 -5.23 17.92
C LEU A 245 -10.77 -4.59 16.55
N VAL A 246 -11.71 -3.68 16.25
CA VAL A 246 -11.66 -2.98 14.97
C VAL A 246 -10.41 -2.13 14.87
N GLN A 247 -10.07 -1.42 15.95
CA GLN A 247 -8.81 -0.70 16.01
C GLN A 247 -7.63 -1.66 15.93
N ASN A 248 -7.76 -2.87 16.50
CA ASN A 248 -6.72 -3.89 16.42
C ASN A 248 -6.62 -4.55 15.05
N CYS A 249 -7.54 -4.22 14.13
CA CYS A 249 -7.42 -4.61 12.73
C CYS A 249 -7.01 -3.47 11.82
N LEU A 250 -7.31 -2.22 12.20
CA LEU A 250 -6.97 -1.09 11.36
C LEU A 250 -5.54 -0.62 11.59
N TRP A 251 -5.02 -0.74 12.82
CA TRP A 251 -3.61 -0.45 13.02
C TRP A 251 -2.70 -1.52 12.46
N THR A 252 -3.26 -2.61 11.93
CA THR A 252 -2.50 -3.60 11.18
C THR A 252 -2.48 -3.27 9.70
N LEU A 253 -3.65 -3.02 9.11
CA LEU A 253 -3.73 -2.73 7.68
C LEU A 253 -2.95 -1.47 7.32
N ARG A 254 -2.84 -0.51 8.24
CA ARG A 254 -2.08 0.70 7.95
C ARG A 254 -0.62 0.38 7.69
N ASN A 255 -0.10 -0.68 8.30
CA ASN A 255 1.29 -1.09 8.08
C ASN A 255 1.41 -2.02 6.88
N LEU A 256 0.55 -3.04 6.79
CA LEU A 256 0.60 -4.03 5.73
C LEU A 256 0.26 -3.46 4.35
N SER A 257 0.02 -2.15 4.25
CA SER A 257 -0.41 -1.56 2.99
C SER A 257 0.62 -1.73 1.88
N ASP A 258 1.89 -1.99 2.22
CA ASP A 258 2.96 -2.02 1.24
C ASP A 258 2.87 -3.20 0.28
N ALA A 259 1.99 -4.17 0.56
CA ALA A 259 1.85 -5.35 -0.31
C ALA A 259 0.52 -5.42 -1.04
N ALA A 260 -0.50 -4.69 -0.57
CA ALA A 260 -1.76 -4.62 -1.29
C ALA A 260 -1.65 -3.85 -2.59
N THR A 261 -0.49 -3.24 -2.86
CA THR A 261 -0.28 -2.52 -4.10
C THR A 261 -0.43 -3.41 -5.33
N LYS A 262 -0.32 -4.72 -5.17
CA LYS A 262 -0.55 -5.66 -6.27
C LYS A 262 -1.67 -6.65 -6.01
N GLN A 263 -2.08 -6.85 -4.76
CA GLN A 263 -3.18 -7.75 -4.45
C GLN A 263 -4.49 -7.22 -5.03
N GLU A 264 -5.42 -8.13 -5.28
CA GLU A 264 -6.72 -7.78 -5.84
C GLU A 264 -7.81 -8.50 -5.06
N GLY A 265 -9.06 -8.25 -5.45
CA GLY A 265 -10.20 -8.88 -4.80
C GLY A 265 -10.51 -8.26 -3.44
N MET A 266 -10.60 -6.93 -3.41
CA MET A 266 -10.86 -6.20 -2.17
C MET A 266 -12.08 -5.29 -2.30
N GLU A 267 -13.08 -5.73 -3.08
CA GLU A 267 -14.32 -4.96 -3.23
C GLU A 267 -15.11 -4.89 -1.93
N GLY A 268 -14.83 -5.76 -0.97
CA GLY A 268 -15.52 -5.75 0.30
C GLY A 268 -14.76 -5.03 1.39
N LEU A 269 -13.47 -4.79 1.16
CA LEU A 269 -12.69 -3.98 2.08
C LEU A 269 -12.76 -2.50 1.76
N LEU A 270 -12.66 -2.14 0.48
CA LEU A 270 -12.77 -0.74 0.09
C LEU A 270 -14.12 -0.15 0.47
N GLY A 271 -15.20 -0.90 0.21
CA GLY A 271 -16.51 -0.46 0.66
C GLY A 271 -16.59 -0.27 2.16
N THR A 272 -15.88 -1.13 2.90
CA THR A 272 -15.78 -0.95 4.35
C THR A 272 -14.98 0.31 4.67
N LEU A 273 -13.83 0.49 4.02
CA LEU A 273 -12.97 1.63 4.33
C LEU A 273 -13.59 2.94 3.90
N VAL A 274 -14.11 3.01 2.68
CA VAL A 274 -14.65 4.27 2.16
C VAL A 274 -15.85 4.71 2.98
N GLN A 275 -16.55 3.77 3.61
CA GLN A 275 -17.67 4.14 4.46
C GLN A 275 -17.18 4.73 5.78
N LEU A 276 -15.99 4.34 6.23
CA LEU A 276 -15.44 4.81 7.50
C LEU A 276 -14.80 6.19 7.41
N LEU A 277 -14.87 6.85 6.25
CA LEU A 277 -14.37 8.22 6.10
C LEU A 277 -15.45 9.21 6.56
N GLY A 278 -15.90 9.02 7.79
CA GLY A 278 -16.96 9.79 8.37
C GLY A 278 -17.37 9.22 9.72
N SER A 279 -16.58 8.28 10.22
CA SER A 279 -16.81 7.73 11.54
C SER A 279 -16.42 8.75 12.60
N ASP A 280 -17.14 8.71 13.72
CA ASP A 280 -17.02 9.76 14.74
C ASP A 280 -15.62 9.86 15.32
N ASP A 281 -14.78 8.85 15.14
CA ASP A 281 -13.43 8.88 15.68
C ASP A 281 -12.45 9.42 14.64
N ILE A 282 -11.46 10.17 15.11
CA ILE A 282 -10.45 10.76 14.22
C ILE A 282 -9.29 9.81 13.96
N ASN A 283 -9.18 8.71 14.71
CA ASN A 283 -8.12 7.74 14.52
C ASN A 283 -8.49 6.65 13.52
N VAL A 284 -9.71 6.67 12.98
CA VAL A 284 -10.09 5.80 11.87
C VAL A 284 -10.03 6.55 10.55
N VAL A 285 -10.44 7.82 10.54
CA VAL A 285 -10.25 8.67 9.37
C VAL A 285 -8.77 8.76 9.03
N THR A 286 -7.91 8.79 10.06
CA THR A 286 -6.47 8.78 9.83
C THR A 286 -6.01 7.45 9.24
N CYS A 287 -6.58 6.34 9.71
CA CYS A 287 -6.19 5.01 9.26
C CYS A 287 -6.84 4.61 7.94
N ALA A 288 -8.16 4.80 7.81
CA ALA A 288 -8.84 4.39 6.58
C ALA A 288 -8.30 5.15 5.37
N ALA A 289 -8.01 6.44 5.54
CA ALA A 289 -7.40 7.19 4.45
C ALA A 289 -5.94 6.80 4.24
N GLY A 290 -5.25 6.41 5.31
CA GLY A 290 -3.87 5.97 5.19
C GLY A 290 -3.71 4.67 4.43
N ILE A 291 -4.79 3.91 4.27
CA ILE A 291 -4.74 2.68 3.48
C ILE A 291 -5.06 2.96 2.02
N LEU A 292 -6.13 3.73 1.77
CA LEU A 292 -6.57 3.98 0.39
C LEU A 292 -5.45 4.61 -0.44
N SER A 293 -4.64 5.47 0.18
CA SER A 293 -3.49 6.04 -0.53
C SER A 293 -2.49 4.95 -0.90
N ASN A 294 -2.02 4.20 0.09
CA ASN A 294 -1.09 3.10 -0.14
C ASN A 294 -1.78 1.83 -0.62
N LEU A 295 -2.96 1.95 -1.22
CA LEU A 295 -3.64 0.82 -1.84
C LEU A 295 -4.12 1.12 -3.26
N THR A 296 -4.32 2.39 -3.61
CA THR A 296 -4.60 2.81 -4.98
C THR A 296 -3.34 3.25 -5.72
N CYS A 297 -2.16 2.99 -5.15
CA CYS A 297 -0.94 3.65 -5.60
C CYS A 297 -0.65 3.40 -7.07
N ASN A 298 -0.97 2.21 -7.59
CA ASN A 298 -0.75 1.94 -9.00
C ASN A 298 -1.47 0.70 -9.51
N ASN A 299 -2.55 0.28 -8.85
CA ASN A 299 -3.36 -0.82 -9.34
C ASN A 299 -4.62 -0.26 -9.99
N TYR A 300 -4.78 -0.53 -11.29
CA TYR A 300 -5.79 0.11 -12.11
C TYR A 300 -7.21 -0.14 -11.62
N LYS A 301 -7.44 -1.21 -10.88
CA LYS A 301 -8.81 -1.59 -10.52
C LYS A 301 -9.28 -0.94 -9.23
N ASN A 302 -8.47 -1.00 -8.16
CA ASN A 302 -8.91 -0.47 -6.87
C ASN A 302 -9.07 1.04 -6.91
N LYS A 303 -8.19 1.74 -7.61
CA LYS A 303 -8.39 3.17 -7.82
C LYS A 303 -9.47 3.46 -8.86
N MET A 304 -10.01 2.42 -9.48
CA MET A 304 -11.24 2.52 -10.27
C MET A 304 -12.42 1.91 -9.55
N MET A 305 -12.21 1.37 -8.33
CA MET A 305 -13.26 0.80 -7.51
C MET A 305 -13.85 1.84 -6.54
N VAL A 306 -12.99 2.61 -5.88
CA VAL A 306 -13.48 3.69 -5.03
C VAL A 306 -14.18 4.75 -5.86
N CYS A 307 -13.87 4.83 -7.16
CA CYS A 307 -14.63 5.67 -8.08
C CYS A 307 -15.94 5.03 -8.49
N GLN A 308 -16.11 3.73 -8.25
CA GLN A 308 -17.38 3.04 -8.50
C GLN A 308 -18.22 2.88 -7.24
N VAL A 309 -17.66 3.19 -6.06
CA VAL A 309 -18.44 3.21 -4.82
C VAL A 309 -18.74 4.63 -4.38
N GLY A 310 -18.29 5.63 -5.11
CA GLY A 310 -18.48 7.01 -4.69
C GLY A 310 -17.50 7.46 -3.63
N GLY A 311 -16.24 7.07 -3.75
CA GLY A 311 -15.23 7.48 -2.80
C GLY A 311 -14.51 8.75 -3.24
N ILE A 312 -14.62 9.08 -4.52
CA ILE A 312 -14.03 10.30 -5.05
C ILE A 312 -14.60 11.53 -4.36
N GLU A 313 -15.80 11.43 -3.81
CA GLU A 313 -16.40 12.51 -3.03
C GLU A 313 -15.98 12.44 -1.56
N ALA A 314 -16.11 11.26 -0.94
CA ALA A 314 -15.88 11.13 0.49
C ALA A 314 -14.47 11.54 0.89
N LEU A 315 -13.50 11.40 -0.03
CA LEU A 315 -12.15 11.87 0.27
C LEU A 315 -12.06 13.38 0.25
N VAL A 316 -12.85 14.04 -0.60
CA VAL A 316 -12.90 15.50 -0.60
C VAL A 316 -13.45 16.01 0.73
N ARG A 317 -14.66 15.55 1.09
CA ARG A 317 -15.29 15.91 2.35
C ARG A 317 -14.59 15.26 3.54
N THR A 318 -13.39 14.73 3.31
CA THR A 318 -12.45 14.37 4.37
C THR A 318 -11.37 15.41 4.54
N VAL A 319 -10.84 15.95 3.42
CA VAL A 319 -9.93 17.08 3.49
C VAL A 319 -10.67 18.31 4.02
N LEU A 320 -11.94 18.47 3.64
CA LEU A 320 -12.75 19.53 4.23
C LEU A 320 -12.94 19.35 5.72
N ARG A 321 -12.80 18.12 6.22
CA ARG A 321 -13.02 17.87 7.64
C ARG A 321 -11.74 18.09 8.44
N ALA A 322 -10.58 17.76 7.86
CA ALA A 322 -9.31 17.85 8.57
C ALA A 322 -8.95 19.29 8.90
N GLY A 323 -8.49 20.03 7.91
CA GLY A 323 -8.02 21.39 8.15
C GLY A 323 -6.51 21.47 8.19
N ASP A 324 -5.95 21.84 9.34
CA ASP A 324 -4.51 21.93 9.53
C ASP A 324 -3.95 20.71 10.25
N ARG A 325 -4.44 19.52 9.90
CA ARG A 325 -4.01 18.26 10.50
C ARG A 325 -3.37 17.44 9.38
N GLU A 326 -2.04 17.55 9.25
CA GLU A 326 -1.34 17.02 8.09
C GLU A 326 -1.45 15.50 8.00
N ASP A 327 -1.56 14.81 9.14
CA ASP A 327 -1.61 13.36 9.13
C ASP A 327 -2.84 12.82 8.41
N ILE A 328 -3.85 13.66 8.19
CA ILE A 328 -5.07 13.25 7.50
C ILE A 328 -5.07 13.74 6.05
N THR A 329 -4.70 15.00 5.83
CA THR A 329 -4.76 15.56 4.49
C THR A 329 -3.76 14.89 3.54
N GLU A 330 -2.54 14.64 4.02
CA GLU A 330 -1.54 14.04 3.15
C GLU A 330 -1.98 12.70 2.57
N PRO A 331 -2.49 11.74 3.34
CA PRO A 331 -3.02 10.53 2.72
C PRO A 331 -4.33 10.77 1.98
N ALA A 332 -5.15 11.73 2.42
CA ALA A 332 -6.37 12.07 1.71
C ALA A 332 -6.10 12.85 0.43
N ILE A 333 -4.91 13.43 0.28
CA ILE A 333 -4.51 14.06 -0.97
C ILE A 333 -3.81 13.06 -1.88
N CYS A 334 -2.86 12.29 -1.33
CA CYS A 334 -2.18 11.28 -2.12
C CYS A 334 -3.16 10.25 -2.69
N ALA A 335 -4.16 9.87 -1.89
CA ALA A 335 -5.22 9.02 -2.42
C ALA A 335 -5.99 9.74 -3.52
N LEU A 336 -6.31 11.03 -3.29
CA LEU A 336 -6.99 11.80 -4.32
C LEU A 336 -6.07 12.10 -5.50
N ARG A 337 -4.75 12.18 -5.25
CA ARG A 337 -3.80 12.30 -6.35
C ARG A 337 -3.79 11.04 -7.20
N HIS A 338 -3.88 9.87 -6.56
CA HIS A 338 -3.86 8.60 -7.30
C HIS A 338 -5.14 8.40 -8.12
N LEU A 339 -6.25 9.01 -7.70
CA LEU A 339 -7.53 8.75 -8.33
C LEU A 339 -7.78 9.60 -9.57
N THR A 340 -7.02 10.68 -9.76
CA THR A 340 -7.32 11.67 -10.79
C THR A 340 -6.39 11.56 -11.99
N SER A 341 -5.88 10.37 -12.29
CA SER A 341 -4.96 10.23 -13.41
C SER A 341 -4.80 8.77 -13.79
N ARG A 342 -4.71 8.52 -15.10
CA ARG A 342 -4.23 7.26 -15.67
C ARG A 342 -5.15 6.08 -15.37
N HIS A 343 -6.43 6.25 -15.72
CA HIS A 343 -7.37 5.14 -15.83
C HIS A 343 -8.58 5.64 -16.60
N GLN A 344 -9.54 4.74 -16.82
CA GLN A 344 -10.68 5.07 -17.67
C GLN A 344 -11.61 6.07 -17.00
N GLU A 345 -11.98 5.82 -15.75
CA GLU A 345 -12.92 6.68 -15.03
C GLU A 345 -12.19 7.80 -14.28
N ALA A 346 -11.30 8.50 -14.98
CA ALA A 346 -10.54 9.58 -14.38
C ALA A 346 -11.15 10.96 -14.62
N GLU A 347 -12.01 11.10 -15.63
CA GLU A 347 -12.59 12.41 -15.93
C GLU A 347 -13.55 12.86 -14.85
N MET A 348 -14.39 11.96 -14.36
CA MET A 348 -15.27 12.32 -13.24
C MET A 348 -14.45 12.57 -11.97
N ALA A 349 -13.30 11.91 -11.83
CA ALA A 349 -12.43 12.17 -10.70
C ALA A 349 -11.84 13.56 -10.73
N GLN A 350 -11.67 14.13 -11.92
CA GLN A 350 -11.17 15.49 -12.07
C GLN A 350 -12.28 16.53 -11.99
N ASN A 351 -13.50 16.17 -12.42
CA ASN A 351 -14.63 17.09 -12.35
C ASN A 351 -15.26 17.11 -10.96
N ALA A 352 -15.59 15.94 -10.43
CA ALA A 352 -16.33 15.83 -9.16
C ALA A 352 -15.51 16.28 -7.95
N VAL A 353 -14.24 16.66 -8.11
CA VAL A 353 -13.49 17.23 -7.00
C VAL A 353 -13.78 18.72 -6.86
N ARG A 354 -14.30 19.36 -7.91
CA ARG A 354 -14.69 20.76 -7.85
C ARG A 354 -16.19 20.95 -7.65
N LEU A 355 -17.02 20.05 -8.18
CA LEU A 355 -18.45 20.08 -7.89
C LEU A 355 -18.72 19.88 -6.41
N HIS A 356 -17.77 19.34 -5.66
CA HIS A 356 -17.83 19.26 -4.20
C HIS A 356 -16.91 20.28 -3.55
N TYR A 357 -16.63 21.37 -4.25
CA TYR A 357 -16.08 22.60 -3.67
C TYR A 357 -14.66 22.38 -3.14
N GLY A 358 -13.86 21.61 -3.86
CA GLY A 358 -12.51 21.32 -3.43
C GLY A 358 -11.48 22.32 -3.90
N LEU A 359 -11.66 22.85 -5.10
CA LEU A 359 -10.67 23.74 -5.70
C LEU A 359 -10.30 24.94 -4.83
N PRO A 360 -11.20 25.54 -4.05
CA PRO A 360 -10.73 26.54 -3.08
C PRO A 360 -9.82 25.94 -2.02
N VAL A 361 -10.22 24.84 -1.38
CA VAL A 361 -9.45 24.32 -0.25
C VAL A 361 -8.20 23.59 -0.73
N VAL A 362 -8.21 23.08 -1.97
CA VAL A 362 -7.05 22.36 -2.49
C VAL A 362 -5.84 23.29 -2.58
N VAL A 363 -6.02 24.42 -3.29
CA VAL A 363 -4.92 25.35 -3.48
C VAL A 363 -4.54 26.01 -2.15
N LYS A 364 -5.50 26.16 -1.23
CA LYS A 364 -5.21 26.75 0.08
C LYS A 364 -4.40 25.84 0.98
N LEU A 365 -4.06 24.62 0.53
CA LEU A 365 -3.10 23.79 1.24
C LEU A 365 -1.65 24.14 0.89
N LEU A 366 -1.44 24.71 -0.30
CA LEU A 366 -0.10 25.15 -0.68
C LEU A 366 0.39 26.27 0.24
N HIS A 367 -0.52 27.15 0.66
CA HIS A 367 -0.17 28.23 1.56
C HIS A 367 0.13 27.67 2.95
N PRO A 368 0.84 28.42 3.78
CA PRO A 368 1.34 27.88 5.07
C PRO A 368 0.21 27.39 5.95
N PRO A 369 0.51 26.58 6.98
CA PRO A 369 1.83 26.06 7.39
C PRO A 369 2.08 24.63 6.95
N SER A 370 1.51 24.19 5.82
CA SER A 370 1.69 22.81 5.37
C SER A 370 3.16 22.53 5.07
N HIS A 371 3.62 21.35 5.47
CA HIS A 371 5.00 20.97 5.28
C HIS A 371 5.22 20.42 3.87
N TRP A 372 6.48 20.09 3.57
CA TRP A 372 6.81 19.62 2.23
C TRP A 372 6.11 18.34 1.81
N PRO A 373 5.89 17.34 2.67
CA PRO A 373 5.17 16.13 2.20
C PRO A 373 3.80 16.42 1.62
N LEU A 374 2.99 17.26 2.28
CA LEU A 374 1.66 17.55 1.76
C LEU A 374 1.73 18.41 0.51
N ILE A 375 2.59 19.44 0.50
CA ILE A 375 2.72 20.31 -0.66
C ILE A 375 3.12 19.50 -1.89
N LYS A 376 4.02 18.54 -1.72
CA LYS A 376 4.40 17.66 -2.82
C LYS A 376 3.18 16.92 -3.37
N ALA A 377 2.38 16.34 -2.47
CA ALA A 377 1.15 15.67 -2.92
C ALA A 377 0.12 16.67 -3.41
N THR A 378 0.14 17.91 -2.88
CA THR A 378 -0.87 18.89 -3.25
C THR A 378 -0.66 19.38 -4.68
N VAL A 379 0.58 19.69 -5.06
CA VAL A 379 0.86 20.10 -6.43
C VAL A 379 0.58 18.95 -7.40
N GLY A 380 0.94 17.73 -7.01
CA GLY A 380 0.69 16.58 -7.86
C GLY A 380 -0.79 16.36 -8.14
N LEU A 381 -1.64 16.68 -7.17
CA LEU A 381 -3.08 16.59 -7.41
C LEU A 381 -3.53 17.66 -8.40
N ILE A 382 -3.11 18.91 -8.17
CA ILE A 382 -3.50 20.01 -9.06
C ILE A 382 -3.05 19.75 -10.48
N ARG A 383 -1.86 19.16 -10.65
CA ARG A 383 -1.41 18.77 -11.98
C ARG A 383 -2.41 17.82 -12.64
N ASN A 384 -2.82 16.78 -11.92
CA ASN A 384 -3.85 15.88 -12.44
C ASN A 384 -5.21 16.56 -12.51
N LEU A 385 -5.47 17.53 -11.64
CA LEU A 385 -6.76 18.22 -11.66
C LEU A 385 -6.87 19.13 -12.88
N ALA A 386 -5.74 19.61 -13.41
CA ALA A 386 -5.76 20.46 -14.59
C ALA A 386 -5.89 19.66 -15.89
N LEU A 387 -5.99 18.34 -15.81
CA LEU A 387 -6.21 17.54 -17.01
C LEU A 387 -7.56 17.85 -17.65
N CYS A 388 -8.58 18.08 -16.83
CA CYS A 388 -9.89 18.44 -17.35
C CYS A 388 -9.91 19.91 -17.78
N PRO A 389 -10.42 20.22 -18.97
CA PRO A 389 -10.42 21.64 -19.40
C PRO A 389 -11.24 22.55 -18.52
N ALA A 390 -12.42 22.11 -18.06
CA ALA A 390 -13.31 22.97 -17.31
C ALA A 390 -12.70 23.45 -15.99
N ASN A 391 -11.68 22.76 -15.48
CA ASN A 391 -11.03 23.15 -14.24
C ASN A 391 -9.92 24.17 -14.44
N HIS A 392 -9.59 24.51 -15.68
CA HIS A 392 -8.47 25.43 -15.94
C HIS A 392 -8.69 26.78 -15.28
N ALA A 393 -9.87 27.37 -15.48
CA ALA A 393 -10.10 28.71 -14.95
C ALA A 393 -10.31 28.71 -13.44
N PRO A 394 -11.15 27.84 -12.85
CA PRO A 394 -11.27 27.85 -11.38
C PRO A 394 -9.98 27.51 -10.66
N LEU A 395 -9.03 26.86 -11.33
CA LEU A 395 -7.68 26.74 -10.78
C LEU A 395 -6.92 28.04 -10.92
N ARG A 396 -7.14 28.78 -12.01
CA ARG A 396 -6.51 30.08 -12.19
C ARG A 396 -7.12 31.11 -11.26
N GLU A 397 -8.45 31.16 -11.20
CA GLU A 397 -9.13 32.21 -10.45
C GLU A 397 -8.87 32.10 -8.95
N GLN A 398 -8.62 30.90 -8.45
CA GLN A 398 -8.35 30.70 -7.02
C GLN A 398 -6.90 31.04 -6.66
N GLY A 399 -6.11 31.57 -7.58
CA GLY A 399 -4.75 31.97 -7.30
C GLY A 399 -3.81 30.80 -7.08
N ALA A 400 -3.64 29.97 -8.10
CA ALA A 400 -2.74 28.82 -8.04
C ALA A 400 -1.48 29.01 -8.85
N ILE A 401 -1.56 29.70 -10.00
CA ILE A 401 -0.38 29.89 -10.85
C ILE A 401 0.75 30.58 -10.10
N PRO A 402 0.54 31.70 -9.39
CA PRO A 402 1.66 32.30 -8.65
C PRO A 402 2.17 31.42 -7.53
N ARG A 403 1.27 30.77 -6.78
CA ARG A 403 1.69 29.92 -5.67
C ARG A 403 2.55 28.75 -6.12
N LEU A 404 2.42 28.32 -7.38
CA LEU A 404 3.29 27.26 -7.87
C LEU A 404 4.71 27.76 -8.08
N VAL A 405 4.87 28.86 -8.84
CA VAL A 405 6.20 29.43 -9.01
C VAL A 405 6.72 30.03 -7.71
N GLN A 406 5.82 30.38 -6.79
CA GLN A 406 6.25 30.87 -5.48
C GLN A 406 7.02 29.81 -4.71
N LEU A 407 6.70 28.54 -4.94
CA LEU A 407 7.45 27.42 -4.38
C LEU A 407 8.40 26.77 -5.38
N LEU A 408 8.16 26.96 -6.68
CA LEU A 408 9.08 26.47 -7.69
C LEU A 408 10.42 27.20 -7.64
N VAL A 409 10.42 28.47 -7.23
CA VAL A 409 11.66 29.24 -7.15
C VAL A 409 12.43 28.87 -5.90
N ARG A 410 11.73 28.69 -4.77
CA ARG A 410 12.40 28.38 -3.52
C ARG A 410 13.05 27.00 -3.56
N ALA A 411 12.36 26.01 -4.14
CA ALA A 411 12.93 24.67 -4.24
C ALA A 411 14.06 24.61 -5.27
N HIS A 412 13.96 25.40 -6.34
CA HIS A 412 15.00 25.39 -7.36
C HIS A 412 16.28 26.06 -6.85
N GLN A 413 16.17 27.30 -6.36
CA GLN A 413 17.33 28.03 -5.89
C GLN A 413 17.92 27.44 -4.61
N ASP A 414 17.26 26.45 -4.00
CA ASP A 414 17.87 25.69 -2.92
C ASP A 414 18.76 24.58 -3.46
N THR A 415 18.39 23.98 -4.60
CA THR A 415 19.19 22.91 -5.18
C THR A 415 20.53 23.44 -5.71
N GLN A 416 20.52 24.65 -6.28
CA GLN A 416 21.73 25.18 -6.88
C GLN A 416 22.80 25.43 -5.83
N ARG A 417 22.44 26.11 -4.73
CA ARG A 417 23.42 26.41 -3.69
C ARG A 417 23.82 25.15 -2.94
N ARG A 418 24.40 24.18 -3.66
CA ARG A 418 24.83 22.93 -3.05
C ARG A 418 26.01 22.37 -3.82
N THR A 419 26.04 22.60 -5.14
CA THR A 419 27.16 22.19 -5.97
C THR A 419 27.48 23.28 -6.99
N SER A 420 26.74 23.31 -8.09
CA SER A 420 26.94 24.32 -9.13
C SER A 420 25.96 25.48 -8.96
N GLN A 427 18.05 15.67 -1.24
CA GLN A 427 18.94 15.36 -0.12
C GLN A 427 18.12 15.18 1.15
N PHE A 428 16.82 15.47 1.02
CA PHE A 428 15.80 15.16 2.02
C PHE A 428 15.80 16.09 3.22
N VAL A 429 15.05 17.18 3.13
CA VAL A 429 14.69 18.01 4.28
C VAL A 429 13.20 17.89 4.48
N GLU A 430 12.80 17.53 5.70
CA GLU A 430 11.39 17.26 6.04
C GLU A 430 10.78 16.20 5.12
N GLY A 431 11.60 15.28 4.64
CA GLY A 431 11.13 14.09 3.96
C GLY A 431 11.00 14.17 2.45
N VAL A 432 11.18 15.34 1.85
CA VAL A 432 10.98 15.50 0.42
C VAL A 432 12.33 15.56 -0.28
N ARG A 433 12.36 15.08 -1.53
CA ARG A 433 13.56 15.17 -2.33
C ARG A 433 13.86 16.59 -2.81
N MET A 434 13.01 17.56 -2.47
CA MET A 434 13.18 18.96 -2.84
C MET A 434 13.15 19.15 -4.36
N GLU A 435 13.92 18.35 -5.10
CA GLU A 435 13.91 18.43 -6.55
C GLU A 435 12.61 17.88 -7.15
N GLU A 436 11.84 17.12 -6.38
CA GLU A 436 10.52 16.71 -6.84
C GLU A 436 9.56 17.89 -6.88
N ILE A 437 9.79 18.90 -6.04
CA ILE A 437 9.00 20.12 -6.10
C ILE A 437 9.26 20.86 -7.41
N VAL A 438 10.43 20.66 -8.01
CA VAL A 438 10.74 21.28 -9.29
C VAL A 438 9.98 20.59 -10.42
N GLU A 439 10.07 19.25 -10.47
CA GLU A 439 9.31 18.51 -11.48
C GLU A 439 7.81 18.64 -11.25
N GLY A 440 7.38 18.63 -9.99
CA GLY A 440 5.96 18.68 -9.71
C GLY A 440 5.33 20.02 -10.05
N CYS A 441 6.03 21.12 -9.75
CA CYS A 441 5.48 22.44 -10.03
C CYS A 441 5.62 22.80 -11.51
N THR A 442 6.75 22.46 -12.13
CA THR A 442 6.91 22.72 -13.55
C THR A 442 5.98 21.84 -14.38
N GLY A 443 5.76 20.60 -13.94
CA GLY A 443 4.82 19.73 -14.63
C GLY A 443 3.39 20.17 -14.47
N ALA A 444 3.06 20.85 -13.38
CA ALA A 444 1.71 21.37 -13.20
C ALA A 444 1.52 22.70 -13.93
N LEU A 445 2.60 23.46 -14.13
CA LEU A 445 2.51 24.66 -14.96
C LEU A 445 2.44 24.32 -16.44
N HIS A 446 2.96 23.15 -16.84
CA HIS A 446 2.93 22.76 -18.23
C HIS A 446 1.53 22.34 -18.68
N ILE A 447 0.76 21.72 -17.78
CA ILE A 447 -0.61 21.34 -18.13
C ILE A 447 -1.49 22.59 -18.22
N LEU A 448 -1.39 23.48 -17.24
CA LEU A 448 -2.19 24.70 -17.26
C LEU A 448 -1.78 25.65 -18.37
N ALA A 449 -0.57 25.49 -18.92
CA ALA A 449 -0.16 26.28 -20.09
C ALA A 449 -0.95 25.91 -21.34
N ARG A 450 -1.76 24.85 -21.30
CA ARG A 450 -2.66 24.56 -22.41
C ARG A 450 -3.68 25.67 -22.57
N ASP A 451 -4.17 26.22 -21.47
CA ASP A 451 -5.07 27.36 -21.52
C ASP A 451 -4.30 28.62 -21.90
N VAL A 452 -4.86 29.40 -22.81
CA VAL A 452 -4.16 30.57 -23.33
C VAL A 452 -4.07 31.66 -22.28
N HIS A 453 -5.11 31.82 -21.46
CA HIS A 453 -5.09 32.85 -20.43
C HIS A 453 -4.01 32.58 -19.39
N ASN A 454 -3.86 31.32 -18.99
CA ASN A 454 -2.83 30.95 -18.03
C ASN A 454 -1.43 31.26 -18.53
N ARG A 455 -1.24 31.31 -19.85
CA ARG A 455 0.09 31.63 -20.39
C ARG A 455 0.43 33.09 -20.20
N ILE A 456 -0.57 33.97 -20.18
CA ILE A 456 -0.32 35.36 -19.83
C ILE A 456 0.09 35.47 -18.37
N VAL A 457 -0.32 34.50 -17.55
CA VAL A 457 0.06 34.50 -16.14
C VAL A 457 1.43 33.85 -15.95
N ILE A 458 1.66 32.73 -16.62
CA ILE A 458 2.94 32.03 -16.49
C ILE A 458 4.07 32.88 -17.04
N ARG A 459 3.83 33.56 -18.17
CA ARG A 459 4.83 34.48 -18.70
C ARG A 459 4.81 35.81 -17.96
N GLY A 460 3.63 36.28 -17.56
CA GLY A 460 3.50 37.53 -16.84
C GLY A 460 4.11 37.53 -15.45
N LEU A 461 4.70 36.43 -15.02
CA LEU A 461 5.39 36.35 -13.73
C LEU A 461 6.90 36.26 -13.90
N ASN A 462 7.41 36.47 -15.12
CA ASN A 462 8.85 36.43 -15.41
C ASN A 462 9.44 35.07 -15.05
N THR A 463 8.91 34.02 -15.70
CA THR A 463 9.38 32.66 -15.50
C THR A 463 9.98 32.04 -16.75
N ILE A 464 9.92 32.71 -17.90
CA ILE A 464 10.67 32.25 -19.07
C ILE A 464 12.16 32.17 -18.77
N PRO A 465 12.78 33.12 -18.06
CA PRO A 465 14.18 32.89 -17.63
C PRO A 465 14.36 31.65 -16.78
N LEU A 466 13.39 31.34 -15.91
CA LEU A 466 13.55 30.19 -15.02
C LEU A 466 13.36 28.88 -15.76
N PHE A 467 12.35 28.80 -16.63
CA PHE A 467 12.11 27.57 -17.38
C PHE A 467 13.30 27.21 -18.26
N VAL A 468 14.01 28.21 -18.79
CA VAL A 468 15.21 27.93 -19.57
C VAL A 468 16.34 27.48 -18.66
N GLN A 469 16.38 27.99 -17.42
CA GLN A 469 17.39 27.56 -16.46
C GLN A 469 17.15 26.15 -15.92
N LEU A 470 16.05 25.51 -16.30
CA LEU A 470 15.79 24.12 -15.93
C LEU A 470 16.14 23.14 -17.04
N LEU A 471 16.34 23.63 -18.27
CA LEU A 471 16.80 22.77 -19.35
C LEU A 471 18.19 22.23 -19.11
N TYR A 472 18.98 22.90 -18.29
CA TYR A 472 20.33 22.47 -17.93
C TYR A 472 20.35 21.51 -16.75
N SER A 473 19.20 21.22 -16.15
CA SER A 473 19.17 20.35 -14.98
C SER A 473 19.61 18.94 -15.36
N PRO A 474 20.52 18.33 -14.61
CA PRO A 474 20.99 16.97 -14.96
C PRO A 474 19.91 15.91 -14.85
N ILE A 475 18.79 16.19 -14.22
CA ILE A 475 17.75 15.20 -13.99
C ILE A 475 16.90 15.06 -15.25
N GLU A 476 16.48 13.83 -15.54
CA GLU A 476 15.72 13.57 -16.76
C GLU A 476 14.29 14.09 -16.67
N ASN A 477 13.65 13.90 -15.51
CA ASN A 477 12.24 14.26 -15.38
C ASN A 477 12.02 15.77 -15.40
N ILE A 478 13.04 16.57 -15.08
CA ILE A 478 12.86 18.01 -15.03
C ILE A 478 12.99 18.63 -16.43
N GLN A 479 13.76 18.01 -17.30
CA GLN A 479 13.96 18.58 -18.64
C GLN A 479 12.72 18.44 -19.51
N ARG A 480 11.95 17.36 -19.33
CA ARG A 480 10.79 17.12 -20.18
C ARG A 480 9.75 18.21 -20.01
N VAL A 481 9.23 18.37 -18.79
CA VAL A 481 8.17 19.34 -18.55
C VAL A 481 8.67 20.76 -18.79
N ALA A 482 9.96 21.00 -18.61
CA ALA A 482 10.52 22.32 -18.91
C ALA A 482 10.57 22.55 -20.41
N ALA A 483 11.05 21.55 -21.17
CA ALA A 483 10.97 21.63 -22.63
C ALA A 483 9.52 21.58 -23.12
N GLY A 484 8.61 21.06 -22.31
CA GLY A 484 7.21 21.00 -22.69
C GLY A 484 6.44 22.26 -22.35
N VAL A 485 6.82 22.96 -21.28
CA VAL A 485 6.12 24.18 -20.92
C VAL A 485 6.51 25.32 -21.86
N LEU A 486 7.72 25.30 -22.41
CA LEU A 486 8.09 26.30 -23.40
C LEU A 486 7.37 26.07 -24.73
N CYS A 487 7.18 24.79 -25.10
CA CYS A 487 6.47 24.48 -26.33
C CYS A 487 5.02 24.99 -26.27
N GLU A 488 4.40 24.92 -25.10
CA GLU A 488 3.06 25.48 -24.95
C GLU A 488 3.10 27.01 -24.97
N LEU A 489 4.22 27.60 -24.52
CA LEU A 489 4.36 29.06 -24.57
C LEU A 489 4.80 29.54 -25.95
N ALA A 490 5.59 28.75 -26.67
CA ALA A 490 6.14 29.19 -27.95
C ALA A 490 5.07 29.32 -29.03
N GLN A 491 3.96 28.59 -28.93
CA GLN A 491 2.92 28.69 -29.96
C GLN A 491 2.26 30.07 -29.96
N ASP A 492 2.39 30.83 -28.87
CA ASP A 492 2.13 32.26 -28.91
C ASP A 492 3.34 32.94 -29.56
N LYS A 493 3.11 33.61 -30.69
CA LYS A 493 4.22 34.19 -31.44
C LYS A 493 4.97 35.23 -30.61
N GLU A 494 4.24 35.98 -29.78
CA GLU A 494 4.90 36.96 -28.91
C GLU A 494 5.80 36.29 -27.90
N ALA A 495 5.32 35.24 -27.24
CA ALA A 495 6.09 34.56 -26.21
C ALA A 495 7.28 33.80 -26.79
N ALA A 496 7.28 33.50 -28.09
CA ALA A 496 8.42 32.83 -28.70
C ALA A 496 9.61 33.76 -28.84
N GLU A 497 9.39 35.07 -28.86
CA GLU A 497 10.50 36.01 -29.02
C GLU A 497 11.39 36.00 -27.77
N ALA A 498 10.78 35.98 -26.58
CA ALA A 498 11.57 36.06 -25.35
C ALA A 498 12.47 34.85 -25.19
N ILE A 499 11.96 33.66 -25.50
CA ILE A 499 12.73 32.43 -25.30
C ILE A 499 14.01 32.45 -26.13
N GLU A 500 13.91 32.85 -27.40
CA GLU A 500 15.10 32.98 -28.22
C GLU A 500 16.04 34.06 -27.72
N ALA A 501 15.53 35.05 -26.99
CA ALA A 501 16.34 36.07 -26.36
C ALA A 501 16.85 35.66 -24.99
N GLU A 502 16.60 34.40 -24.59
CA GLU A 502 17.05 33.86 -23.32
C GLU A 502 18.36 33.09 -23.44
N GLY A 503 18.86 32.89 -24.65
CA GLY A 503 20.00 32.00 -24.82
C GLY A 503 19.58 30.57 -25.02
N ALA A 504 18.39 30.34 -25.56
CA ALA A 504 17.87 28.99 -25.77
C ALA A 504 18.13 28.58 -27.22
N THR A 505 19.41 28.31 -27.49
CA THR A 505 19.83 27.77 -28.77
C THR A 505 20.61 26.48 -28.66
N ALA A 506 21.18 26.19 -27.49
CA ALA A 506 21.96 24.98 -27.26
C ALA A 506 21.22 24.00 -26.34
N PRO A 507 20.56 24.46 -25.24
CA PRO A 507 19.78 23.53 -24.42
C PRO A 507 18.82 22.69 -25.23
N LEU A 508 17.82 23.33 -25.83
CA LEU A 508 16.91 22.63 -26.74
C LEU A 508 17.55 22.30 -28.09
N THR A 509 18.81 21.87 -28.09
CA THR A 509 19.48 21.40 -29.29
C THR A 509 20.32 20.16 -28.95
N GLU A 510 21.09 20.26 -27.86
CA GLU A 510 21.83 19.12 -27.35
C GLU A 510 20.91 18.06 -26.77
N LEU A 511 19.64 18.37 -26.58
CA LEU A 511 18.65 17.42 -26.07
C LEU A 511 17.94 16.65 -27.19
N LEU A 512 18.41 16.76 -28.43
CA LEU A 512 17.73 16.15 -29.56
C LEU A 512 17.99 14.66 -29.73
N HIS A 513 18.82 14.06 -28.86
CA HIS A 513 19.03 12.61 -28.86
C HIS A 513 18.72 12.00 -27.50
N SER A 514 17.99 12.72 -26.65
CA SER A 514 17.69 12.28 -25.29
C SER A 514 17.04 10.90 -25.30
N ARG A 515 17.69 9.94 -24.65
CA ARG A 515 17.11 8.60 -24.51
C ARG A 515 15.69 8.68 -23.94
N ASN A 516 15.49 9.52 -22.93
CA ASN A 516 14.15 9.91 -22.53
C ASN A 516 13.51 10.63 -23.72
N GLU A 517 12.61 9.93 -24.42
CA GLU A 517 12.16 10.38 -25.74
C GLU A 517 11.47 11.74 -25.67
N GLY A 518 10.73 11.99 -24.58
CA GLY A 518 9.92 13.20 -24.52
C GLY A 518 10.73 14.49 -24.55
N VAL A 519 11.97 14.44 -24.07
CA VAL A 519 12.79 15.65 -24.02
C VAL A 519 13.10 16.14 -25.43
N ALA A 520 13.47 15.23 -26.33
CA ALA A 520 13.83 15.64 -27.69
C ALA A 520 12.61 16.06 -28.49
N THR A 521 11.44 15.46 -28.22
CA THR A 521 10.25 15.78 -29.01
C THR A 521 9.83 17.23 -28.81
N TYR A 522 9.80 17.69 -27.56
CA TYR A 522 9.45 19.08 -27.27
C TYR A 522 10.59 20.04 -27.60
N ALA A 523 11.84 19.61 -27.42
CA ALA A 523 12.98 20.48 -27.72
C ALA A 523 12.98 20.87 -29.20
N ALA A 524 12.74 19.89 -30.09
CA ALA A 524 12.64 20.22 -31.50
C ALA A 524 11.35 20.98 -31.80
N ALA A 525 10.30 20.76 -31.01
CA ALA A 525 9.05 21.49 -31.21
C ALA A 525 9.22 22.97 -30.92
N VAL A 526 10.02 23.32 -29.91
CA VAL A 526 10.31 24.72 -29.62
C VAL A 526 11.23 25.31 -30.70
N LEU A 527 12.25 24.54 -31.10
CA LEU A 527 13.21 25.00 -32.10
C LEU A 527 12.51 25.49 -33.36
N PHE A 528 11.73 24.62 -33.98
CA PHE A 528 10.99 24.96 -35.21
C PHE A 528 10.20 26.25 -35.06
N GLU B 9 4.16 2.67 -15.52
CA GLU B 9 4.17 1.32 -16.08
C GLU B 9 2.89 0.57 -15.70
N THR B 10 2.09 0.22 -16.71
CA THR B 10 0.85 -0.51 -16.51
C THR B 10 0.68 -1.48 -17.67
N LEU B 11 0.58 -2.77 -17.36
CA LEU B 11 0.49 -3.81 -18.37
C LEU B 11 -0.95 -4.18 -18.67
N VAL B 12 -1.27 -4.29 -19.95
CA VAL B 12 -2.60 -4.65 -20.43
C VAL B 12 -2.50 -5.05 -21.89
N ARG B 13 -3.30 -6.04 -22.30
CA ARG B 13 -3.23 -6.61 -23.64
C ARG B 13 -4.24 -5.96 -24.58
N PRO B 14 -3.84 -5.64 -25.81
CA PRO B 14 -4.79 -5.06 -26.76
C PRO B 14 -5.66 -6.11 -27.43
N LYS B 15 -6.87 -5.71 -27.78
CA LYS B 15 -7.75 -6.57 -28.56
C LYS B 15 -7.13 -6.81 -29.93
N PRO B 16 -7.48 -7.94 -30.59
CA PRO B 16 -6.73 -8.32 -31.79
C PRO B 16 -6.76 -7.30 -32.91
N LEU B 17 -7.80 -6.46 -32.99
CA LEU B 17 -7.83 -5.43 -34.01
C LEU B 17 -6.66 -4.46 -33.85
N LEU B 18 -6.49 -3.93 -32.64
CA LEU B 18 -5.36 -3.03 -32.37
C LEU B 18 -4.04 -3.77 -32.37
N LEU B 19 -4.04 -5.05 -31.96
CA LEU B 19 -2.80 -5.82 -31.91
C LEU B 19 -2.13 -5.90 -33.27
N LYS B 20 -2.90 -5.80 -34.35
CA LYS B 20 -2.33 -5.78 -35.69
C LYS B 20 -1.71 -4.43 -36.06
N LEU B 21 -2.15 -3.35 -35.42
CA LEU B 21 -1.53 -2.05 -35.67
C LEU B 21 -0.10 -2.01 -35.17
N LEU B 22 0.14 -2.55 -33.98
CA LEU B 22 1.48 -2.53 -33.41
C LEU B 22 2.38 -3.60 -34.02
N LYS B 23 1.80 -4.74 -34.42
CA LYS B 23 2.56 -5.75 -35.15
C LYS B 23 3.08 -5.19 -36.47
N SER B 24 2.20 -4.49 -37.21
CA SER B 24 2.52 -4.02 -38.55
C SER B 24 3.50 -2.85 -38.56
N VAL B 25 3.93 -2.35 -37.40
CA VAL B 25 4.89 -1.26 -37.36
C VAL B 25 6.22 -1.69 -36.72
N GLY B 26 6.25 -2.77 -35.94
CA GLY B 26 7.51 -3.25 -35.43
C GLY B 26 7.47 -3.97 -34.09
N ALA B 27 6.27 -4.23 -33.57
CA ALA B 27 6.13 -4.90 -32.29
C ALA B 27 5.87 -6.39 -32.49
N GLN B 28 5.80 -7.12 -31.37
CA GLN B 28 5.60 -8.57 -31.43
C GLN B 28 5.02 -9.10 -30.12
N LYS B 29 5.04 -8.29 -29.07
CA LYS B 29 4.58 -8.72 -27.76
C LYS B 29 3.06 -8.69 -27.69
N ASP B 30 2.53 -9.01 -26.51
CA ASP B 30 1.12 -8.90 -26.20
C ASP B 30 0.84 -8.00 -25.01
N THR B 31 1.69 -8.05 -23.98
CA THR B 31 1.55 -7.18 -22.82
C THR B 31 2.34 -5.90 -23.10
N TYR B 32 1.63 -4.79 -23.25
CA TYR B 32 2.24 -3.49 -23.50
C TYR B 32 2.08 -2.61 -22.27
N THR B 33 3.19 -2.06 -21.79
CA THR B 33 3.10 -0.90 -20.93
C THR B 33 2.36 0.19 -21.70
N MET B 34 1.29 0.71 -21.10
CA MET B 34 0.42 1.62 -21.84
C MET B 34 1.14 2.90 -22.22
N LYS B 35 2.18 2.76 -23.03
CA LYS B 35 2.91 3.87 -23.63
C LYS B 35 3.28 3.46 -25.04
N GLU B 36 3.83 2.25 -25.17
CA GLU B 36 4.15 1.73 -26.48
C GLU B 36 2.91 1.66 -27.36
N VAL B 37 1.76 1.40 -26.73
CA VAL B 37 0.48 1.48 -27.44
C VAL B 37 0.37 2.82 -28.17
N LEU B 38 0.54 3.91 -27.42
CA LEU B 38 0.57 5.24 -28.04
C LEU B 38 1.80 5.41 -28.92
N PHE B 39 2.93 4.83 -28.51
CA PHE B 39 4.18 5.03 -29.23
C PHE B 39 4.11 4.46 -30.64
N TYR B 40 3.79 3.17 -30.76
CA TYR B 40 3.67 2.57 -32.09
C TYR B 40 2.46 3.07 -32.85
N LEU B 41 1.54 3.78 -32.20
CA LEU B 41 0.55 4.56 -32.93
C LEU B 41 1.16 5.86 -33.43
N GLY B 42 2.00 6.49 -32.61
CA GLY B 42 2.74 7.68 -33.03
C GLY B 42 3.66 7.43 -34.20
N GLN B 43 3.91 6.16 -34.54
CA GLN B 43 4.60 5.81 -35.77
C GLN B 43 3.68 5.25 -36.84
N TYR B 44 2.50 4.76 -36.47
CA TYR B 44 1.56 4.28 -37.47
C TYR B 44 0.87 5.44 -38.20
N ILE B 45 0.61 6.52 -37.48
CA ILE B 45 -0.01 7.69 -38.09
C ILE B 45 1.04 8.63 -38.71
N MET B 46 2.28 8.58 -38.24
CA MET B 46 3.35 9.43 -38.75
C MET B 46 4.04 8.85 -39.98
N THR B 47 4.13 7.53 -40.07
CA THR B 47 4.78 6.90 -41.21
C THR B 47 3.89 6.93 -42.45
N LYS B 48 2.66 6.42 -42.32
CA LYS B 48 1.74 6.38 -43.45
C LYS B 48 1.26 7.76 -43.89
N ARG B 49 1.63 8.81 -43.15
CA ARG B 49 1.22 10.19 -43.47
C ARG B 49 -0.31 10.29 -43.58
N LEU B 50 -0.95 10.13 -42.42
CA LEU B 50 -2.41 10.12 -42.33
C LEU B 50 -2.99 11.44 -41.86
N TYR B 51 -2.17 12.47 -41.70
CA TYR B 51 -2.63 13.73 -41.15
C TYR B 51 -2.86 14.75 -42.28
N ASP B 52 -2.89 16.03 -41.94
CA ASP B 52 -3.08 17.12 -42.88
C ASP B 52 -1.96 18.11 -42.70
N GLU B 53 -1.10 18.26 -43.72
CA GLU B 53 0.10 19.08 -43.57
C GLU B 53 -0.23 20.53 -43.23
N LYS B 54 -1.42 21.01 -43.63
CA LYS B 54 -1.82 22.36 -43.27
C LYS B 54 -2.06 22.46 -41.75
N GLN B 55 -3.02 21.70 -41.24
CA GLN B 55 -3.32 21.64 -39.81
C GLN B 55 -3.17 20.19 -39.38
N GLN B 56 -1.99 19.85 -38.86
CA GLN B 56 -1.64 18.48 -38.52
C GLN B 56 -2.31 17.98 -37.25
N HIS B 57 -3.18 18.78 -36.63
CA HIS B 57 -3.96 18.30 -35.50
C HIS B 57 -4.92 17.20 -35.90
N ILE B 58 -5.26 17.11 -37.18
CA ILE B 58 -6.31 16.22 -37.67
C ILE B 58 -5.68 14.99 -38.28
N VAL B 59 -6.32 13.84 -38.05
CA VAL B 59 -5.86 12.56 -38.58
C VAL B 59 -6.95 12.03 -39.50
N TYR B 60 -6.64 11.92 -40.80
CA TYR B 60 -7.55 11.35 -41.78
C TYR B 60 -7.38 9.85 -41.79
N CYS B 61 -8.18 9.16 -40.98
CA CYS B 61 -8.17 7.70 -40.94
C CYS B 61 -9.37 7.12 -41.69
N SER B 62 -9.60 7.58 -42.91
CA SER B 62 -10.73 7.13 -43.71
C SER B 62 -10.52 5.73 -44.23
N ASN B 63 -10.30 5.60 -45.55
CA ASN B 63 -10.07 4.30 -46.17
C ASN B 63 -8.80 3.65 -45.62
N ASP B 64 -8.85 3.21 -44.37
CA ASP B 64 -7.68 2.66 -43.70
C ASP B 64 -8.13 1.86 -42.49
N LEU B 65 -7.20 1.04 -41.98
CA LEU B 65 -7.48 0.21 -40.81
C LEU B 65 -7.83 1.05 -39.58
N LEU B 66 -7.23 2.23 -39.44
CA LEU B 66 -7.40 3.02 -38.22
C LEU B 66 -8.84 3.50 -38.06
N GLY B 67 -9.57 3.67 -39.17
CA GLY B 67 -10.96 4.07 -39.09
C GLY B 67 -11.89 2.98 -38.58
N ASP B 68 -11.44 1.73 -38.59
CA ASP B 68 -12.24 0.62 -38.09
C ASP B 68 -12.12 0.43 -36.58
N LEU B 69 -11.12 1.04 -35.94
CA LEU B 69 -10.95 0.94 -34.50
C LEU B 69 -11.65 2.06 -33.74
N PHE B 70 -11.59 3.28 -34.28
CA PHE B 70 -12.13 4.45 -33.60
C PHE B 70 -13.48 4.87 -34.15
N GLY B 71 -14.09 4.06 -35.02
CA GLY B 71 -15.20 4.57 -35.80
C GLY B 71 -14.72 5.78 -36.58
N VAL B 72 -15.62 6.75 -36.73
CA VAL B 72 -15.39 8.14 -37.16
C VAL B 72 -14.58 8.29 -38.46
N PRO B 73 -15.00 9.18 -39.35
CA PRO B 73 -14.17 9.42 -40.55
C PRO B 73 -12.89 10.17 -40.23
N SER B 74 -12.94 11.12 -39.31
CA SER B 74 -11.78 11.93 -38.95
C SER B 74 -11.91 12.38 -37.50
N PHE B 75 -10.80 12.83 -36.93
CA PHE B 75 -10.78 13.33 -35.56
C PHE B 75 -9.58 14.26 -35.39
N SER B 76 -9.40 14.74 -34.17
CA SER B 76 -8.30 15.62 -33.82
C SER B 76 -7.49 15.00 -32.69
N VAL B 77 -6.17 15.21 -32.74
CA VAL B 77 -5.30 14.68 -31.70
C VAL B 77 -5.56 15.38 -30.37
N LYS B 78 -5.90 16.67 -30.40
CA LYS B 78 -6.14 17.43 -29.18
C LYS B 78 -7.40 17.00 -28.44
N GLU B 79 -8.20 16.11 -29.02
CA GLU B 79 -9.37 15.55 -28.35
C GLU B 79 -8.94 14.35 -27.51
N HIS B 80 -8.19 14.66 -26.45
CA HIS B 80 -7.48 13.63 -25.68
C HIS B 80 -8.44 12.58 -25.14
N ARG B 81 -9.45 12.99 -24.39
CA ARG B 81 -10.34 12.02 -23.75
C ARG B 81 -11.14 11.22 -24.77
N LYS B 82 -11.47 11.81 -25.93
CA LYS B 82 -12.19 11.06 -26.94
C LYS B 82 -11.34 9.92 -27.50
N ILE B 83 -10.04 10.16 -27.69
CA ILE B 83 -9.17 9.12 -28.22
C ILE B 83 -8.80 8.10 -27.15
N TYR B 84 -8.75 8.52 -25.89
CA TYR B 84 -8.47 7.56 -24.81
C TYR B 84 -9.61 6.58 -24.62
N THR B 85 -10.86 7.05 -24.78
CA THR B 85 -12.00 6.14 -24.80
C THR B 85 -11.84 5.09 -25.90
N MET B 86 -11.36 5.52 -27.07
CA MET B 86 -11.09 4.62 -28.17
C MET B 86 -9.97 3.64 -27.88
N ILE B 87 -9.19 3.87 -26.82
CA ILE B 87 -8.14 2.92 -26.44
C ILE B 87 -8.70 1.80 -25.59
N TYR B 88 -9.45 2.15 -24.54
CA TYR B 88 -9.86 1.19 -23.52
C TYR B 88 -10.84 0.14 -24.04
N ARG B 89 -11.36 0.29 -25.26
CA ARG B 89 -12.22 -0.72 -25.84
C ARG B 89 -11.44 -1.75 -26.65
N ASN B 90 -10.44 -1.30 -27.41
CA ASN B 90 -9.51 -2.21 -28.06
C ASN B 90 -8.40 -2.56 -27.09
N LEU B 91 -8.79 -2.95 -25.88
CA LEU B 91 -7.86 -3.19 -24.77
C LEU B 91 -8.62 -3.97 -23.70
N VAL B 92 -7.92 -4.90 -23.06
CA VAL B 92 -8.58 -5.86 -22.17
C VAL B 92 -8.89 -5.21 -20.84
N VAL B 93 -10.18 -5.13 -20.50
CA VAL B 93 -10.63 -4.75 -19.17
C VAL B 93 -11.48 -5.89 -18.62
N VAL B 94 -12.01 -5.72 -17.41
CA VAL B 94 -12.81 -6.77 -16.79
C VAL B 94 -14.14 -6.92 -17.52
N ILE C 8 6.03 17.75 -37.50
CA ILE C 8 6.40 18.14 -36.14
C ILE C 8 5.19 18.78 -35.44
N CYS C 9 4.31 19.39 -36.23
CA CYS C 9 3.05 19.89 -35.67
C CYS C 9 2.16 18.75 -35.24
N PHE C 10 2.20 17.63 -35.96
CA PHE C 10 1.53 16.41 -35.50
C PHE C 10 2.35 15.71 -34.42
N GLN C 11 3.67 15.74 -34.53
CA GLN C 11 4.53 15.11 -33.55
C GLN C 11 4.40 15.78 -32.18
N ALA C 12 4.28 17.11 -32.17
CA ALA C 12 4.17 17.83 -30.91
C ALA C 12 2.83 17.56 -30.24
N ALA C 13 1.74 17.59 -31.01
CA ALA C 13 0.42 17.41 -30.43
C ALA C 13 0.21 15.98 -29.95
N TRP C 14 0.71 14.99 -30.70
CA TRP C 14 0.53 13.60 -30.29
C TRP C 14 1.36 13.26 -29.06
N MET C 15 2.61 13.75 -29.01
CA MET C 15 3.39 13.62 -27.79
C MET C 15 2.71 14.31 -26.62
N CYS C 16 2.00 15.41 -26.89
CA CYS C 16 1.22 16.08 -25.86
C CYS C 16 -0.02 15.29 -25.47
N LEU C 17 -0.50 14.40 -26.35
CA LEU C 17 -1.57 13.49 -25.96
C LEU C 17 -1.06 12.45 -24.97
N ALA C 18 0.19 12.01 -25.12
CA ALA C 18 0.79 11.05 -24.21
C ALA C 18 1.11 11.65 -22.85
N ASP C 19 0.83 12.94 -22.64
CA ASP C 19 1.05 13.57 -21.35
C ASP C 19 -0.08 13.34 -20.36
N ASP C 20 -1.24 12.86 -20.83
CA ASP C 20 -2.30 12.45 -19.92
C ASP C 20 -2.02 11.12 -19.24
N TRP C 21 -1.00 10.40 -19.70
CA TRP C 21 -0.60 9.12 -19.11
C TRP C 21 0.87 9.21 -18.73
N THR C 22 1.17 10.02 -17.72
CA THR C 22 2.52 10.18 -17.21
C THR C 22 2.52 10.96 -15.89
CA WHL D . 2.14 23.54 -30.44
CB WHL D . 1.76 23.05 -29.21
NB WHL D . 0.51 21.53 -27.73
OB WHL D . 3.87 22.87 -33.21
CG WHL D . 2.84 22.88 -33.81
CD WHL D . 0.34 21.42 -30.25
CE WHL D . 0.71 21.89 -31.50
CH WHL D . 2.85 22.84 -35.36
CC WHL D . 0.86 22.00 -29.09
CF WHL D . 1.61 22.95 -31.58
CJ WHL D . -0.18 20.30 -27.41
CK WHL D . -0.47 19.97 -25.97
NA WHL D . 1.54 22.92 -33.08
OA WHL D . -0.52 19.56 -28.24
#